data_6UH3
#
_entry.id   6UH3
#
_cell.length_a   49.449
_cell.length_b   102.139
_cell.length_c   56.770
_cell.angle_alpha   90.000
_cell.angle_beta   94.040
_cell.angle_gamma   90.000
#
_symmetry.space_group_name_H-M   'P 1 21 1'
#
loop_
_entity.id
_entity.type
_entity.pdbx_description
1 polymer Heliorhodopsin
2 non-polymer RETINAL
3 non-polymer 'TRIETHYLENE GLYCOL'
4 non-polymer 'PALMITIC ACID'
5 non-polymer DI(HYDROXYETHYL)ETHER
6 water water
#
_entity_poly.entity_id   1
_entity_poly.type   'polypeptide(L)'
_entity_poly.pdbx_seq_one_letter_code
;KPTVKEIKSLQNFNRIAGVFHLLQMLAVLALANDFALPMTGTYLNGPPGTTFSAPVVILETPVGLAVALFLGLSALFHFI
VSSGNFFKRYSASLMKNQNIFRWVEYSLSSSVMIVLIAQICGIADIVALLAIFGVNASMILFGWLQEKYTQPKDGDLLPF
WFGCIAGIVPWIGLLIYVIAPGSTSDVAVPGFVYGIIISLFLFFNSFALVQYLQYKGKGKWSNYLRGERAYIVLSLVAKS
ALAWQIFSGTLI
;
_entity_poly.pdbx_strand_id   A,B
#
# COMPACT_ATOMS: atom_id res chain seq x y z
N THR A 3 -24.77 8.80 24.95
CA THR A 3 -25.04 9.92 25.86
C THR A 3 -23.78 10.75 26.09
N VAL A 4 -23.97 12.01 26.49
CA VAL A 4 -22.84 12.88 26.83
C VAL A 4 -22.17 12.40 28.12
N LYS A 5 -22.93 11.79 29.03
CA LYS A 5 -22.31 11.20 30.21
C LYS A 5 -21.29 10.14 29.81
N GLU A 6 -21.61 9.33 28.80
CA GLU A 6 -20.61 8.41 28.24
C GLU A 6 -19.42 9.17 27.64
N ILE A 7 -19.70 10.26 26.91
CA ILE A 7 -18.63 11.09 26.37
C ILE A 7 -17.67 11.55 27.45
N LYS A 8 -18.21 11.94 28.61
CA LYS A 8 -17.37 12.38 29.71
C LYS A 8 -16.50 11.25 30.24
N SER A 9 -17.07 10.05 30.34
CA SER A 9 -16.29 8.91 30.81
C SER A 9 -15.15 8.60 29.84
N LEU A 10 -15.39 8.86 28.55
CA LEU A 10 -14.36 8.66 27.53
C LEU A 10 -13.18 9.62 27.68
N GLN A 11 -13.41 10.86 28.13
CA GLN A 11 -12.27 11.72 28.41
C GLN A 11 -11.38 11.10 29.48
N ASN A 12 -11.99 10.57 30.54
CA ASN A 12 -11.25 9.96 31.62
C ASN A 12 -10.60 8.66 31.15
N PHE A 13 -11.34 7.91 30.35
CA PHE A 13 -10.90 6.62 29.83
C PHE A 13 -9.67 6.78 28.94
N ASN A 14 -9.69 7.77 28.04
CA ASN A 14 -8.54 8.05 27.19
C ASN A 14 -7.34 8.48 28.00
N ARG A 15 -7.54 9.38 28.96
CA ARG A 15 -6.42 9.87 29.75
C ARG A 15 -5.70 8.73 30.46
N ILE A 16 -6.45 7.76 30.98
CA ILE A 16 -5.84 6.60 31.64
C ILE A 16 -5.11 5.71 30.63
N ALA A 17 -5.74 5.48 29.48
CA ALA A 17 -5.11 4.71 28.41
C ALA A 17 -3.77 5.33 28.01
N GLY A 18 -3.76 6.66 27.85
CA GLY A 18 -2.53 7.37 27.58
C GLY A 18 -1.50 7.20 28.67
N VAL A 19 -1.92 7.34 29.94
CA VAL A 19 -1.02 7.12 31.09
C VAL A 19 -0.36 5.76 31.07
N PHE A 20 -1.13 4.70 30.75
CA PHE A 20 -0.51 3.39 30.65
C PHE A 20 0.50 3.32 29.52
N HIS A 21 0.18 3.90 28.36
CA HIS A 21 1.12 3.92 27.25
C HIS A 21 2.37 4.72 27.61
N LEU A 22 2.18 5.85 28.29
CA LEU A 22 3.30 6.70 28.71
C LEU A 22 4.22 5.98 29.70
N LEU A 23 3.63 5.32 30.71
CA LEU A 23 4.42 4.56 31.66
C LEU A 23 5.24 3.47 30.98
N GLN A 24 4.60 2.72 30.08
CA GLN A 24 5.36 1.68 29.39
C GLN A 24 6.43 2.26 28.48
N MET A 25 6.11 3.36 27.80
CA MET A 25 7.11 4.00 26.94
C MET A 25 8.36 4.31 27.73
N LEU A 26 8.19 4.98 28.87
CA LEU A 26 9.31 5.34 29.74
C LEU A 26 10.03 4.11 30.24
N ALA A 27 9.26 3.07 30.59
CA ALA A 27 9.83 1.82 31.07
C ALA A 27 10.77 1.20 30.04
N VAL A 28 10.32 1.12 28.79
CA VAL A 28 11.15 0.60 27.72
C VAL A 28 12.39 1.48 27.55
N LEU A 29 12.20 2.80 27.51
CA LEU A 29 13.32 3.71 27.39
C LEU A 29 14.33 3.56 28.52
N ALA A 30 13.85 3.27 29.73
CA ALA A 30 14.76 3.05 30.85
C ALA A 30 15.54 1.74 30.72
N LEU A 31 14.87 0.67 30.31
CA LEU A 31 15.43 -0.68 30.41
C LEU A 31 15.99 -1.28 29.12
N ALA A 32 15.49 -0.90 27.95
CA ALA A 32 15.91 -1.52 26.68
C ALA A 32 17.39 -1.32 26.37
N ASN A 33 18.00 -2.34 25.75
CA ASN A 33 19.39 -2.26 25.32
C ASN A 33 19.48 -1.61 23.94
N ASP A 34 20.70 -1.47 23.42
CA ASP A 34 20.93 -0.89 22.09
C ASP A 34 20.80 -1.94 20.99
N PHE A 35 19.57 -2.38 20.73
CA PHE A 35 19.32 -3.39 19.72
C PHE A 35 18.87 -2.70 18.42
N ALA A 36 19.56 -3.03 17.31
CA ALA A 36 19.26 -2.40 16.03
C ALA A 36 19.15 -3.43 14.92
N LEU A 37 18.19 -3.20 14.01
CA LEU A 37 17.93 -4.04 12.84
C LEU A 37 18.18 -3.26 11.55
N PRO A 38 18.71 -3.92 10.52
CA PRO A 38 19.16 -3.27 9.28
C PRO A 38 18.13 -3.09 8.17
N MET A 39 18.21 -1.93 7.49
CA MET A 39 17.47 -1.65 6.26
C MET A 39 18.50 -1.54 5.13
N THR A 40 18.39 -2.42 4.13
CA THR A 40 19.42 -2.56 3.12
C THR A 40 18.92 -2.34 1.70
N GLY A 41 19.87 -2.14 0.79
CA GLY A 41 19.62 -2.01 -0.62
C GLY A 41 20.58 -2.88 -1.42
N THR A 42 20.07 -3.62 -2.40
CA THR A 42 20.88 -4.47 -3.26
C THR A 42 20.81 -3.92 -4.69
N TYR A 43 21.70 -2.97 -4.97
CA TYR A 43 21.73 -2.19 -6.20
C TYR A 43 22.31 -3.03 -7.34
N LEU A 44 22.12 -2.55 -8.57
CA LEU A 44 22.68 -3.23 -9.74
C LEU A 44 24.15 -2.86 -9.99
N ASN A 45 24.92 -3.84 -10.50
CA ASN A 45 26.27 -3.64 -11.01
C ASN A 45 26.28 -3.50 -12.52
N GLY A 46 25.12 -3.24 -13.11
CA GLY A 46 25.00 -3.21 -14.54
C GLY A 46 23.57 -3.42 -14.99
N PRO A 47 23.44 -4.27 -16.02
CA PRO A 47 22.13 -4.56 -16.59
C PRO A 47 21.19 -5.26 -15.63
N PRO A 48 19.87 -4.98 -15.77
CA PRO A 48 18.83 -5.52 -14.87
C PRO A 48 18.91 -6.98 -14.53
N GLY A 49 19.12 -7.83 -15.53
CA GLY A 49 19.12 -9.27 -15.32
C GLY A 49 20.50 -9.89 -15.37
N THR A 50 21.52 -9.05 -15.26
CA THR A 50 22.90 -9.52 -15.30
C THR A 50 23.54 -9.60 -13.91
N THR A 51 23.59 -8.50 -13.16
CA THR A 51 24.35 -8.56 -11.92
C THR A 51 23.92 -7.53 -10.87
N PHE A 52 24.12 -7.90 -9.61
CA PHE A 52 23.78 -7.09 -8.44
C PHE A 52 24.98 -6.82 -7.54
N SER A 53 25.05 -5.59 -7.02
CA SER A 53 26.05 -5.20 -6.01
C SER A 53 25.63 -5.76 -4.67
N ALA A 54 26.62 -6.22 -3.89
CA ALA A 54 26.35 -6.83 -2.60
C ALA A 54 25.59 -5.88 -1.68
N PRO A 55 24.59 -6.40 -0.94
CA PRO A 55 23.79 -5.61 0.03
C PRO A 55 24.56 -4.58 0.83
N VAL A 56 24.13 -3.32 0.80
CA VAL A 56 24.70 -2.28 1.63
C VAL A 56 23.65 -1.80 2.63
N VAL A 57 24.03 -1.76 3.91
CA VAL A 57 23.13 -1.29 4.95
C VAL A 57 22.98 0.23 4.84
N ILE A 58 21.75 0.67 4.59
CA ILE A 58 21.48 2.08 4.39
C ILE A 58 21.21 2.75 5.72
N LEU A 59 20.42 2.08 6.56
CA LEU A 59 19.91 2.64 7.81
C LEU A 59 19.64 1.51 8.80
N GLU A 60 19.85 1.78 10.08
CA GLU A 60 19.46 0.83 11.11
C GLU A 60 18.39 1.37 12.04
N THR A 61 17.54 0.44 12.49
CA THR A 61 16.40 0.75 13.35
C THR A 61 16.73 0.47 14.80
N PRO A 62 16.91 1.50 15.63
CA PRO A 62 16.99 1.34 17.09
C PRO A 62 15.67 0.82 17.62
N VAL A 63 15.62 -0.48 17.92
CA VAL A 63 14.34 -1.11 18.22
C VAL A 63 13.69 -0.53 19.48
N GLY A 64 14.49 -0.29 20.53
CA GLY A 64 13.89 0.24 21.76
C GLY A 64 13.21 1.58 21.53
N LEU A 65 13.89 2.48 20.80
CA LEU A 65 13.30 3.77 20.46
C LEU A 65 12.06 3.59 19.58
N ALA A 66 12.12 2.67 18.64
CA ALA A 66 10.99 2.41 17.76
C ALA A 66 9.78 1.89 18.53
N VAL A 67 10.03 1.02 19.52
CA VAL A 67 8.93 0.53 20.35
C VAL A 67 8.36 1.66 21.18
N ALA A 68 9.24 2.43 21.81
CA ALA A 68 8.80 3.62 22.52
C ALA A 68 8.01 4.55 21.60
N LEU A 69 8.45 4.69 20.34
CA LEU A 69 7.79 5.58 19.39
C LEU A 69 6.29 5.26 19.20
N PHE A 70 5.94 4.00 18.90
CA PHE A 70 4.50 3.78 18.69
C PHE A 70 3.72 3.86 20.00
N LEU A 71 4.36 3.54 21.14
CA LEU A 71 3.71 3.75 22.43
C LEU A 71 3.52 5.25 22.67
N GLY A 72 4.55 6.03 22.35
CA GLY A 72 4.49 7.47 22.52
C GLY A 72 3.39 8.08 21.69
N LEU A 73 3.22 7.61 20.46
CA LEU A 73 2.15 8.11 19.61
C LEU A 73 0.77 7.90 20.23
N SER A 74 0.50 6.72 20.80
CA SER A 74 -0.80 6.57 21.46
C SER A 74 -0.91 7.44 22.70
N ALA A 75 0.13 7.46 23.53
CA ALA A 75 0.10 8.29 24.72
C ALA A 75 -0.24 9.73 24.36
N LEU A 76 0.45 10.25 23.34
CA LEU A 76 0.26 11.62 22.88
C LEU A 76 -1.17 11.86 22.40
N PHE A 77 -1.66 11.00 21.53
CA PHE A 77 -2.98 11.24 20.97
C PHE A 77 -4.09 11.11 22.00
N HIS A 78 -3.93 10.22 22.98
CA HIS A 78 -4.92 10.12 24.05
C HIS A 78 -4.95 11.39 24.89
N PHE A 79 -3.79 12.00 25.15
CA PHE A 79 -3.76 13.23 25.94
C PHE A 79 -4.43 14.38 25.19
N ILE A 80 -4.25 14.44 23.88
CA ILE A 80 -4.93 15.43 23.06
C ILE A 80 -6.44 15.24 23.13
N VAL A 81 -6.88 14.00 22.92
CA VAL A 81 -8.28 13.60 22.97
C VAL A 81 -8.92 13.87 24.33
N SER A 82 -8.15 13.69 25.42
CA SER A 82 -8.66 13.83 26.78
C SER A 82 -9.35 15.16 27.06
N SER A 83 -9.10 16.19 26.26
CA SER A 83 -9.76 17.48 26.42
C SER A 83 -11.20 17.49 25.94
N GLY A 84 -11.71 16.37 25.41
CA GLY A 84 -13.06 16.28 24.91
C GLY A 84 -13.16 16.67 23.46
N ASN A 85 -12.02 16.78 22.78
CA ASN A 85 -11.97 17.20 21.38
C ASN A 85 -12.68 16.23 20.45
N PHE A 86 -12.51 14.93 20.67
CA PHE A 86 -13.16 13.95 19.80
C PHE A 86 -14.67 14.10 19.82
N PHE A 87 -15.22 14.59 20.93
CA PHE A 87 -16.63 14.91 20.97
C PHE A 87 -16.91 16.24 20.31
N LYS A 88 -16.02 17.21 20.51
CA LYS A 88 -16.14 18.49 19.83
C LYS A 88 -16.15 18.32 18.31
N ARG A 89 -15.50 17.26 17.81
CA ARG A 89 -15.51 16.94 16.38
C ARG A 89 -16.75 16.16 15.96
N TYR A 90 -17.64 15.85 16.91
CA TYR A 90 -18.94 15.25 16.66
C TYR A 90 -20.00 16.34 16.69
N SER A 91 -19.98 17.15 17.74
CA SER A 91 -20.89 18.26 17.94
C SER A 91 -20.47 19.46 17.07
N LYS A 96 -23.64 8.71 12.79
CA LYS A 96 -22.67 8.26 13.78
C LYS A 96 -21.50 9.19 13.97
N ASN A 97 -20.75 8.93 15.02
CA ASN A 97 -19.57 9.71 15.25
C ASN A 97 -18.50 9.23 14.28
N GLN A 98 -17.45 10.00 14.18
CA GLN A 98 -16.30 9.68 13.37
C GLN A 98 -15.10 9.97 14.24
N ASN A 99 -14.03 9.22 14.08
CA ASN A 99 -12.87 9.50 14.90
C ASN A 99 -11.61 9.62 14.05
N ILE A 100 -11.36 10.84 13.57
CA ILE A 100 -10.17 11.11 12.78
C ILE A 100 -8.91 10.94 13.62
N PHE A 101 -8.95 11.35 14.89
CA PHE A 101 -7.78 11.21 15.77
C PHE A 101 -7.26 9.79 15.71
N ARG A 102 -8.17 8.83 15.88
CA ARG A 102 -7.82 7.42 15.80
C ARG A 102 -7.17 7.04 14.47
N TRP A 103 -7.76 7.48 13.36
CA TRP A 103 -7.22 7.11 12.06
C TRP A 103 -5.83 7.68 11.82
N VAL A 104 -5.57 8.91 12.27
CA VAL A 104 -4.23 9.48 12.18
C VAL A 104 -3.27 8.73 13.09
N GLU A 105 -3.67 8.52 14.34
CA GLU A 105 -2.87 7.78 15.31
C GLU A 105 -2.47 6.42 14.73
N TYR A 106 -3.47 5.66 14.29
CA TYR A 106 -3.24 4.30 13.81
C TYR A 106 -2.42 4.29 12.53
N SER A 107 -2.70 5.23 11.63
CA SER A 107 -1.93 5.37 10.41
C SER A 107 -0.43 5.43 10.70
N LEU A 108 -0.06 6.12 11.77
CA LEU A 108 1.34 6.19 12.20
C LEU A 108 1.78 4.96 12.98
N SER A 109 1.10 4.69 14.11
CA SER A 109 1.60 3.69 15.06
C SER A 109 1.49 2.26 14.54
N SER A 110 0.39 1.92 13.84
CA SER A 110 0.28 0.56 13.34
C SER A 110 1.26 0.33 12.20
N SER A 111 1.65 1.41 11.52
CA SER A 111 2.62 1.33 10.44
C SER A 111 4.02 1.21 11.00
N VAL A 112 4.32 1.94 12.09
CA VAL A 112 5.61 1.81 12.78
C VAL A 112 5.81 0.39 13.28
N MET A 113 4.78 -0.19 13.89
CA MET A 113 4.95 -1.51 14.49
C MET A 113 4.91 -2.65 13.46
N ILE A 114 4.13 -2.54 12.35
CA ILE A 114 4.19 -3.60 11.33
C ILE A 114 5.57 -3.65 10.69
N VAL A 115 6.22 -2.50 10.58
CA VAL A 115 7.60 -2.49 10.09
C VAL A 115 8.55 -3.23 11.02
N LEU A 116 8.42 -3.01 12.34
CA LEU A 116 9.24 -3.77 13.29
C LEU A 116 9.07 -5.27 13.11
N ILE A 117 7.82 -5.73 12.97
CA ILE A 117 7.56 -7.16 12.85
C ILE A 117 8.25 -7.71 11.61
N ALA A 118 8.19 -6.96 10.52
CA ALA A 118 8.86 -7.34 9.28
C ALA A 118 10.36 -7.52 9.49
N GLN A 119 11.03 -6.53 10.09
CA GLN A 119 12.46 -6.65 10.31
C GLN A 119 12.78 -7.86 11.19
N ILE A 120 11.95 -8.09 12.22
CA ILE A 120 12.09 -9.27 13.06
C ILE A 120 12.07 -10.57 12.24
N CYS A 121 11.17 -10.67 11.26
CA CYS A 121 11.13 -11.82 10.35
C CYS A 121 12.35 -11.94 9.46
N GLY A 122 13.01 -10.83 9.15
CA GLY A 122 14.19 -10.86 8.31
C GLY A 122 14.01 -9.95 7.11
N ILE A 123 12.90 -9.23 7.06
CA ILE A 123 12.70 -8.33 5.93
C ILE A 123 13.63 -7.14 6.12
N ALA A 124 14.77 -7.19 5.43
CA ALA A 124 15.77 -6.14 5.53
C ALA A 124 15.62 -5.08 4.46
N ASP A 125 15.15 -5.43 3.27
CA ASP A 125 15.14 -4.45 2.18
C ASP A 125 14.35 -3.19 2.51
N ILE A 126 15.04 -2.05 2.33
CA ILE A 126 14.50 -0.72 2.58
C ILE A 126 13.23 -0.41 1.81
N VAL A 127 13.09 -0.94 0.59
CA VAL A 127 11.91 -0.62 -0.19
C VAL A 127 10.73 -1.40 0.34
N ALA A 128 10.95 -2.67 0.65
CA ALA A 128 9.91 -3.51 1.22
C ALA A 128 9.32 -2.85 2.46
N LEU A 129 10.19 -2.44 3.39
CA LEU A 129 9.71 -1.86 4.64
C LEU A 129 8.95 -0.56 4.39
N LEU A 130 9.48 0.28 3.50
CA LEU A 130 8.77 1.50 3.10
C LEU A 130 7.39 1.20 2.57
N ALA A 131 7.31 0.32 1.57
CA ALA A 131 6.03 0.00 0.92
C ALA A 131 5.04 -0.62 1.91
N ILE A 132 5.52 -1.50 2.80
CA ILE A 132 4.65 -2.08 3.81
C ILE A 132 4.07 -0.97 4.68
N PHE A 133 4.90 -0.03 5.08
CA PHE A 133 4.42 1.10 5.85
C PHE A 133 3.32 1.82 5.08
N GLY A 134 3.57 2.07 3.79
CA GLY A 134 2.59 2.73 2.94
C GLY A 134 1.28 1.96 2.81
N VAL A 135 1.38 0.65 2.54
CA VAL A 135 0.14 -0.07 2.31
C VAL A 135 -0.62 -0.29 3.61
N ASN A 136 0.09 -0.42 4.74
CA ASN A 136 -0.58 -0.47 6.03
C ASN A 136 -1.30 0.85 6.31
N ALA A 137 -0.65 1.97 5.98
CA ALA A 137 -1.33 3.26 6.12
C ALA A 137 -2.58 3.31 5.24
N SER A 138 -2.50 2.74 4.04
CA SER A 138 -3.67 2.68 3.16
C SER A 138 -4.84 1.97 3.83
N MET A 139 -4.57 0.82 4.48
CA MET A 139 -5.59 0.09 5.22
C MET A 139 -6.29 1.00 6.22
N ILE A 140 -5.52 1.77 6.97
CA ILE A 140 -6.12 2.67 7.95
C ILE A 140 -6.96 3.74 7.26
N LEU A 141 -6.43 4.30 6.16
CA LEU A 141 -7.11 5.36 5.43
C LEU A 141 -8.39 4.89 4.76
N PHE A 142 -8.46 3.62 4.36
CA PHE A 142 -9.72 3.07 3.84
C PHE A 142 -10.77 3.00 4.94
N GLY A 143 -10.35 2.57 6.14
CA GLY A 143 -11.26 2.53 7.27
C GLY A 143 -11.79 3.90 7.63
N TRP A 144 -10.92 4.90 7.63
CA TRP A 144 -11.33 6.29 7.76
C TRP A 144 -12.39 6.67 6.72
N LEU A 145 -12.17 6.31 5.45
CA LEU A 145 -13.15 6.65 4.42
C LEU A 145 -14.48 5.92 4.61
N GLN A 146 -14.45 4.69 5.12
CA GLN A 146 -15.68 4.00 5.50
C GLN A 146 -16.48 4.82 6.48
N GLU A 147 -15.80 5.28 7.52
CA GLU A 147 -16.45 6.02 8.58
C GLU A 147 -16.91 7.39 8.10
N LYS A 148 -16.12 8.03 7.22
CA LYS A 148 -16.47 9.33 6.66
C LYS A 148 -17.72 9.32 5.79
N TYR A 149 -17.83 8.36 4.88
CA TYR A 149 -18.90 8.47 3.90
C TYR A 149 -20.10 7.58 4.14
N THR A 150 -20.06 6.64 5.08
CA THR A 150 -21.21 5.79 5.26
C THR A 150 -21.65 5.68 6.71
N GLN A 151 -22.88 5.22 6.87
CA GLN A 151 -23.48 4.95 8.16
C GLN A 151 -23.60 3.44 8.29
N PRO A 152 -24.07 2.94 9.42
CA PRO A 152 -24.26 1.50 9.56
C PRO A 152 -25.40 0.98 8.69
N LYS A 153 -25.07 0.78 7.42
CA LYS A 153 -25.96 0.36 6.35
C LYS A 153 -25.10 -0.27 5.26
N ASP A 154 -25.75 -0.97 4.33
CA ASP A 154 -25.11 -1.73 3.27
C ASP A 154 -23.94 -1.02 2.58
N GLY A 155 -24.07 0.29 2.36
CA GLY A 155 -23.11 1.05 1.58
C GLY A 155 -21.68 1.10 2.13
N ASP A 156 -21.45 0.65 3.35
CA ASP A 156 -20.12 0.71 3.97
C ASP A 156 -19.20 -0.41 3.49
N LEU A 157 -19.74 -1.36 2.73
CA LEU A 157 -18.99 -2.54 2.31
C LEU A 157 -17.65 -2.20 1.68
N LEU A 158 -17.67 -1.40 0.60
CA LEU A 158 -16.45 -1.25 -0.19
C LEU A 158 -15.26 -0.70 0.59
N PRO A 159 -15.32 0.54 1.12
CA PRO A 159 -14.19 1.09 1.87
C PRO A 159 -13.58 0.07 2.82
N PHE A 160 -14.44 -0.61 3.57
CA PHE A 160 -13.99 -1.63 4.52
C PHE A 160 -13.19 -2.72 3.82
N TRP A 161 -13.79 -3.30 2.78
CA TRP A 161 -13.15 -4.41 2.08
C TRP A 161 -11.90 -3.98 1.34
N PHE A 162 -11.85 -2.73 0.88
CA PHE A 162 -10.62 -2.22 0.30
C PHE A 162 -9.54 -2.18 1.38
N GLY A 163 -9.94 -1.82 2.61
CA GLY A 163 -9.03 -1.87 3.73
C GLY A 163 -8.52 -3.27 3.99
N CYS A 164 -9.41 -4.24 3.95
CA CYS A 164 -9.00 -5.63 4.11
C CYS A 164 -7.97 -6.05 3.05
N ILE A 165 -8.17 -5.61 1.80
CA ILE A 165 -7.21 -5.95 0.74
C ILE A 165 -5.84 -5.34 1.01
N ALA A 166 -5.81 -4.03 1.32
CA ALA A 166 -4.54 -3.39 1.61
C ALA A 166 -3.94 -3.95 2.88
N GLY A 167 -4.80 -4.31 3.84
CA GLY A 167 -4.34 -4.80 5.12
C GLY A 167 -3.74 -6.19 5.09
N ILE A 168 -4.33 -7.10 4.32
CA ILE A 168 -3.88 -8.49 4.31
C ILE A 168 -2.49 -8.67 3.72
N VAL A 169 -2.05 -7.76 2.84
CA VAL A 169 -0.80 -7.93 2.10
C VAL A 169 0.43 -8.01 3.00
N PRO A 170 0.78 -6.94 3.79
CA PRO A 170 1.92 -7.02 4.72
C PRO A 170 2.15 -8.39 5.33
N TRP A 171 1.04 -8.91 5.86
CA TRP A 171 1.03 -10.21 6.52
C TRP A 171 1.42 -11.33 5.57
N ILE A 172 0.90 -11.30 4.34
CA ILE A 172 1.30 -12.27 3.32
C ILE A 172 2.81 -12.21 3.08
N GLY A 173 3.38 -11.01 3.08
CA GLY A 173 4.83 -10.88 2.97
C GLY A 173 5.55 -11.56 4.12
N LEU A 174 5.04 -11.38 5.34
CA LEU A 174 5.62 -12.04 6.51
C LEU A 174 5.52 -13.54 6.37
N LEU A 175 4.35 -14.01 5.95
CA LEU A 175 4.10 -15.44 5.77
C LEU A 175 5.10 -16.05 4.81
N ILE A 176 5.43 -15.33 3.74
CA ILE A 176 6.46 -15.79 2.81
C ILE A 176 7.78 -16.01 3.53
N TYR A 177 8.21 -15.03 4.32
CA TYR A 177 9.47 -15.19 5.04
C TYR A 177 9.40 -16.27 6.13
N VAL A 178 8.25 -16.40 6.80
CA VAL A 178 8.05 -17.45 7.81
C VAL A 178 8.14 -18.86 7.22
N ILE A 179 7.50 -19.06 6.08
CA ILE A 179 7.55 -20.34 5.36
C ILE A 179 8.88 -20.52 4.65
N ALA A 180 9.36 -19.45 4.05
CA ALA A 180 10.60 -19.35 3.31
C ALA A 180 10.64 -20.31 2.11
N PRO A 181 9.88 -19.97 1.06
CA PRO A 181 9.83 -20.80 -0.18
C PRO A 181 11.18 -21.18 -0.75
N GLY A 182 12.18 -20.31 -0.67
CA GLY A 182 13.49 -20.62 -1.18
C GLY A 182 14.46 -21.18 -0.17
N SER A 183 13.99 -21.51 1.04
CA SER A 183 14.85 -21.99 2.12
C SER A 183 15.68 -23.20 1.71
N THR A 184 16.95 -23.17 2.09
CA THR A 184 17.87 -24.25 1.86
C THR A 184 18.20 -25.02 3.14
N SER A 185 17.31 -24.99 4.13
CA SER A 185 17.32 -25.74 5.40
C SER A 185 18.11 -25.06 6.51
N ASP A 186 18.77 -23.93 6.24
CA ASP A 186 19.49 -23.18 7.24
C ASP A 186 18.68 -22.00 7.78
N VAL A 187 17.39 -21.92 7.45
CA VAL A 187 16.51 -20.83 7.87
C VAL A 187 15.70 -21.26 9.08
N ALA A 188 16.04 -20.73 10.26
CA ALA A 188 15.29 -21.00 11.47
C ALA A 188 14.60 -19.72 11.93
N VAL A 189 13.31 -19.82 12.22
CA VAL A 189 12.54 -18.71 12.79
C VAL A 189 12.37 -18.97 14.27
N PRO A 190 12.69 -18.00 15.13
CA PRO A 190 12.58 -18.17 16.59
C PRO A 190 11.16 -18.34 17.09
N GLY A 191 11.03 -19.06 18.21
CA GLY A 191 9.72 -19.28 18.82
C GLY A 191 9.00 -17.99 19.18
N PHE A 192 9.74 -17.02 19.72
CA PHE A 192 9.11 -15.74 20.10
C PHE A 192 8.63 -14.97 18.87
N VAL A 193 9.28 -15.18 17.72
CA VAL A 193 8.84 -14.53 16.50
C VAL A 193 7.47 -15.04 16.08
N TYR A 194 7.29 -16.37 16.12
CA TYR A 194 6.01 -16.98 15.79
C TYR A 194 4.89 -16.45 16.68
N GLY A 195 5.16 -16.31 17.98
CA GLY A 195 4.17 -15.75 18.88
C GLY A 195 3.81 -14.31 18.56
N ILE A 196 4.83 -13.49 18.28
CA ILE A 196 4.60 -12.10 17.86
C ILE A 196 3.68 -12.03 16.66
N ILE A 197 3.96 -12.84 15.64
CA ILE A 197 3.18 -12.79 14.41
C ILE A 197 1.74 -13.19 14.68
N ILE A 198 1.55 -14.33 15.33
CA ILE A 198 0.19 -14.84 15.58
C ILE A 198 -0.62 -13.86 16.40
N SER A 199 -0.12 -13.53 17.60
CA SER A 199 -0.83 -12.59 18.45
C SER A 199 -1.15 -11.28 17.72
N LEU A 200 -0.14 -10.66 17.09
CA LEU A 200 -0.43 -9.36 16.48
C LEU A 200 -1.39 -9.49 15.30
N PHE A 201 -1.30 -10.59 14.55
CA PHE A 201 -2.24 -10.87 13.48
C PHE A 201 -3.66 -10.97 14.03
N LEU A 202 -3.82 -11.70 15.13
CA LEU A 202 -5.13 -11.85 15.75
C LEU A 202 -5.63 -10.54 16.33
N PHE A 203 -4.72 -9.69 16.82
CA PHE A 203 -5.15 -8.36 17.24
C PHE A 203 -5.62 -7.50 16.06
N PHE A 204 -4.88 -7.53 14.95
CA PHE A 204 -5.30 -6.78 13.77
C PHE A 204 -6.66 -7.25 13.28
N ASN A 205 -6.91 -8.56 13.34
CA ASN A 205 -8.23 -9.08 12.95
C ASN A 205 -9.32 -8.50 13.82
N SER A 206 -9.10 -8.43 15.13
CA SER A 206 -10.13 -7.87 16.00
C SER A 206 -10.39 -6.40 15.71
N PHE A 207 -9.37 -5.62 15.28
CA PHE A 207 -9.62 -4.23 14.93
C PHE A 207 -10.58 -4.14 13.74
N ALA A 208 -10.38 -5.02 12.77
CA ALA A 208 -11.31 -5.12 11.65
C ALA A 208 -12.68 -5.56 12.14
N LEU A 209 -12.71 -6.51 13.06
CA LEU A 209 -13.96 -7.00 13.64
C LEU A 209 -14.76 -5.89 14.30
N VAL A 210 -14.10 -5.01 15.08
CA VAL A 210 -14.82 -3.90 15.70
C VAL A 210 -15.49 -3.03 14.65
N GLN A 211 -14.74 -2.64 13.63
CA GLN A 211 -15.31 -1.85 12.54
C GLN A 211 -16.52 -2.53 11.93
N TYR A 212 -16.36 -3.80 11.60
CA TYR A 212 -17.42 -4.58 10.95
C TYR A 212 -18.71 -4.59 11.76
N LEU A 213 -18.62 -5.02 13.02
CA LEU A 213 -19.79 -5.14 13.90
C LEU A 213 -20.43 -3.79 14.16
N GLN A 214 -19.58 -2.78 14.32
CA GLN A 214 -20.03 -1.42 14.56
C GLN A 214 -20.86 -0.90 13.38
N TYR A 215 -20.42 -1.21 12.15
CA TYR A 215 -21.18 -0.85 10.96
C TYR A 215 -22.23 -1.88 10.59
N LYS A 216 -22.06 -3.13 10.99
CA LYS A 216 -23.10 -4.14 10.77
C LYS A 216 -24.35 -3.79 11.56
N GLY A 217 -24.16 -3.32 12.79
CA GLY A 217 -25.24 -2.77 13.57
C GLY A 217 -25.78 -3.63 14.69
N LYS A 218 -25.15 -4.78 14.99
CA LYS A 218 -25.60 -5.67 16.05
C LYS A 218 -26.02 -4.90 17.28
N GLY A 219 -27.20 -5.24 17.82
CA GLY A 219 -27.78 -4.56 18.96
C GLY A 219 -26.75 -3.96 19.91
N LYS A 220 -25.92 -4.83 20.48
CA LYS A 220 -24.83 -4.43 21.36
C LYS A 220 -23.97 -3.30 20.77
N TRP A 221 -23.59 -3.43 19.49
CA TRP A 221 -22.70 -2.50 18.82
C TRP A 221 -23.44 -1.43 18.04
N SER A 222 -24.73 -1.25 18.29
CA SER A 222 -25.46 -0.14 17.68
C SER A 222 -25.05 1.18 18.30
N ASN A 223 -24.53 1.13 19.53
CA ASN A 223 -23.95 2.29 20.20
C ASN A 223 -22.50 2.45 19.75
N TYR A 224 -22.25 3.49 18.97
CA TYR A 224 -20.91 3.77 18.47
C TYR A 224 -19.88 3.77 19.60
N LEU A 225 -20.26 4.29 20.78
CA LEU A 225 -19.29 4.49 21.86
C LEU A 225 -18.81 3.19 22.49
N ARG A 226 -19.57 2.11 22.33
CA ARG A 226 -19.04 0.81 22.73
C ARG A 226 -17.87 0.47 21.83
N GLY A 227 -18.04 0.69 20.53
CA GLY A 227 -16.97 0.49 19.57
C GLY A 227 -15.76 1.34 19.86
N GLU A 228 -15.97 2.62 20.12
CA GLU A 228 -14.87 3.53 20.47
C GLU A 228 -14.05 3.00 21.64
N ARG A 229 -14.73 2.59 22.71
CA ARG A 229 -14.06 2.04 23.88
C ARG A 229 -13.30 0.75 23.57
N ALA A 230 -13.90 -0.12 22.77
CA ALA A 230 -13.26 -1.37 22.36
C ALA A 230 -11.99 -1.12 21.56
N TYR A 231 -12.01 -0.10 20.70
CA TYR A 231 -10.82 0.27 19.95
C TYR A 231 -9.70 0.71 20.89
N ILE A 232 -10.05 1.56 21.86
CA ILE A 232 -9.08 2.08 22.82
C ILE A 232 -8.39 0.96 23.58
N VAL A 233 -9.15 -0.03 24.01
CA VAL A 233 -8.55 -1.19 24.66
C VAL A 233 -7.62 -1.92 23.70
N LEU A 234 -8.07 -2.18 22.46
CA LEU A 234 -7.23 -2.88 21.50
C LEU A 234 -5.92 -2.16 21.21
N SER A 235 -5.93 -0.82 21.11
CA SER A 235 -4.66 -0.11 20.95
C SER A 235 -3.76 -0.38 22.14
N LEU A 236 -4.34 -0.28 23.33
CA LEU A 236 -3.59 -0.51 24.56
C LEU A 236 -3.06 -1.95 24.65
N VAL A 237 -3.92 -2.95 24.42
CA VAL A 237 -3.52 -4.34 24.62
C VAL A 237 -2.55 -4.80 23.53
N ALA A 238 -2.85 -4.49 22.26
CA ALA A 238 -2.00 -4.93 21.15
C ALA A 238 -0.61 -4.27 21.20
N LYS A 239 -0.55 -2.98 21.54
CA LYS A 239 0.75 -2.32 21.64
C LYS A 239 1.55 -2.85 22.81
N SER A 240 0.87 -3.06 23.94
CA SER A 240 1.55 -3.62 25.10
C SER A 240 2.09 -5.00 24.77
N ALA A 241 1.25 -5.84 24.17
CA ALA A 241 1.63 -7.20 23.82
C ALA A 241 2.90 -7.21 22.98
N LEU A 242 2.91 -6.41 21.92
CA LEU A 242 4.06 -6.40 21.04
C LEU A 242 5.28 -5.80 21.73
N ALA A 243 5.09 -4.67 22.42
CA ALA A 243 6.20 -4.01 23.09
C ALA A 243 6.94 -4.96 24.04
N TRP A 244 6.20 -5.70 24.87
CA TRP A 244 6.88 -6.56 25.82
C TRP A 244 7.33 -7.89 25.20
N GLN A 245 6.65 -8.37 24.16
CA GLN A 245 7.16 -9.54 23.44
C GLN A 245 8.50 -9.25 22.78
N ILE A 246 8.60 -8.10 22.10
CA ILE A 246 9.87 -7.75 21.47
C ILE A 246 10.94 -7.58 22.53
N PHE A 247 10.57 -6.95 23.64
CA PHE A 247 11.50 -6.72 24.74
C PHE A 247 12.09 -8.03 25.21
N SER A 248 11.21 -8.97 25.56
CA SER A 248 11.64 -10.30 26.00
C SER A 248 12.47 -10.99 24.91
N GLY A 249 11.98 -10.92 23.66
CA GLY A 249 12.65 -11.57 22.53
C GLY A 249 14.01 -10.98 22.21
N THR A 250 14.18 -9.67 22.39
CA THR A 250 15.49 -9.06 22.19
C THR A 250 16.52 -9.69 23.10
N LEU A 251 16.12 -9.96 24.33
CA LEU A 251 17.00 -10.64 25.27
C LEU A 251 17.13 -12.13 24.92
N ILE A 252 16.02 -12.80 24.55
CA ILE A 252 16.02 -14.20 24.10
C ILE A 252 16.52 -14.27 22.63
N THR B 3 -23.74 13.48 -23.99
CA THR B 3 -24.87 12.97 -24.76
C THR B 3 -24.73 11.48 -25.04
N VAL B 4 -25.86 10.85 -25.41
CA VAL B 4 -25.85 9.44 -25.76
C VAL B 4 -25.06 9.22 -27.04
N LYS B 5 -25.09 10.19 -27.95
CA LYS B 5 -24.25 10.16 -29.14
C LYS B 5 -22.79 9.98 -28.78
N GLU B 6 -22.31 10.80 -27.83
CA GLU B 6 -20.94 10.69 -27.37
C GLU B 6 -20.65 9.31 -26.78
N ILE B 7 -21.63 8.74 -26.05
CA ILE B 7 -21.46 7.40 -25.51
C ILE B 7 -21.22 6.36 -26.61
N LYS B 8 -22.03 6.42 -27.67
CA LYS B 8 -21.84 5.51 -28.79
C LYS B 8 -20.47 5.70 -29.41
N SER B 9 -20.04 6.95 -29.51
CA SER B 9 -18.69 7.23 -30.01
C SER B 9 -17.64 6.56 -29.12
N LEU B 10 -17.86 6.60 -27.81
CA LEU B 10 -16.96 5.94 -26.86
C LEU B 10 -16.96 4.42 -26.99
N GLN B 11 -18.09 3.84 -27.39
CA GLN B 11 -18.09 2.40 -27.65
C GLN B 11 -17.10 2.06 -28.78
N ASN B 12 -17.07 2.89 -29.83
CA ASN B 12 -16.11 2.70 -30.90
C ASN B 12 -14.71 3.04 -30.45
N PHE B 13 -14.58 4.13 -29.71
CA PHE B 13 -13.28 4.62 -29.27
C PHE B 13 -12.58 3.58 -28.39
N ASN B 14 -13.32 2.93 -27.49
CA ASN B 14 -12.78 1.82 -26.70
C ASN B 14 -12.40 0.65 -27.58
N ARG B 15 -13.28 0.26 -28.51
CA ARG B 15 -12.99 -0.89 -29.36
C ARG B 15 -11.70 -0.67 -30.13
N ILE B 16 -11.49 0.57 -30.62
CA ILE B 16 -10.27 0.92 -31.37
C ILE B 16 -9.06 0.90 -30.46
N ALA B 17 -9.19 1.48 -29.27
CA ALA B 17 -8.09 1.45 -28.31
C ALA B 17 -7.74 0.01 -27.94
N GLY B 18 -8.76 -0.81 -27.68
CA GLY B 18 -8.51 -2.22 -27.40
C GLY B 18 -7.71 -2.91 -28.48
N VAL B 19 -8.11 -2.70 -29.74
CA VAL B 19 -7.37 -3.23 -30.90
C VAL B 19 -5.92 -2.76 -30.92
N PHE B 20 -5.68 -1.48 -30.67
CA PHE B 20 -4.30 -0.97 -30.63
C PHE B 20 -3.49 -1.63 -29.52
N HIS B 21 -4.12 -1.93 -28.38
CA HIS B 21 -3.46 -2.67 -27.30
C HIS B 21 -3.18 -4.11 -27.70
N LEU B 22 -4.15 -4.73 -28.38
CA LEU B 22 -4.03 -6.10 -28.86
C LEU B 22 -2.93 -6.27 -29.90
N LEU B 23 -2.86 -5.36 -30.88
CA LEU B 23 -1.84 -5.45 -31.90
C LEU B 23 -0.44 -5.35 -31.31
N GLN B 24 -0.24 -4.41 -30.39
CA GLN B 24 1.04 -4.27 -29.70
C GLN B 24 1.34 -5.47 -28.81
N MET B 25 0.31 -6.04 -28.19
CA MET B 25 0.50 -7.26 -27.41
C MET B 25 1.08 -8.36 -28.27
N LEU B 26 0.39 -8.67 -29.38
CA LEU B 26 0.82 -9.75 -30.26
C LEU B 26 2.19 -9.49 -30.87
N ALA B 27 2.51 -8.23 -31.14
CA ALA B 27 3.85 -7.88 -31.62
C ALA B 27 4.91 -8.31 -30.64
N VAL B 28 4.73 -7.95 -29.37
CA VAL B 28 5.69 -8.30 -28.33
C VAL B 28 5.80 -9.81 -28.18
N LEU B 29 4.65 -10.49 -28.16
CA LEU B 29 4.64 -11.94 -28.07
C LEU B 29 5.39 -12.59 -29.23
N ALA B 30 5.27 -12.00 -30.43
CA ALA B 30 5.99 -12.51 -31.60
C ALA B 30 7.50 -12.29 -31.52
N LEU B 31 7.95 -11.11 -31.10
CA LEU B 31 9.34 -10.72 -31.22
C LEU B 31 10.18 -10.79 -29.94
N ALA B 32 9.56 -10.69 -28.77
CA ALA B 32 10.28 -10.60 -27.49
C ALA B 32 11.14 -11.81 -27.15
N ASN B 33 12.29 -11.52 -26.52
CA ASN B 33 13.23 -12.51 -25.99
C ASN B 33 12.65 -13.22 -24.76
N ASP B 34 13.35 -14.26 -24.31
CA ASP B 34 13.05 -14.95 -23.04
C ASP B 34 13.86 -14.33 -21.90
N PHE B 35 13.74 -13.00 -21.76
CA PHE B 35 14.40 -12.27 -20.69
C PHE B 35 13.54 -12.32 -19.44
N ALA B 36 14.18 -12.58 -18.30
CA ALA B 36 13.44 -12.69 -17.05
C ALA B 36 14.22 -12.11 -15.88
N LEU B 37 13.47 -11.55 -14.92
CA LEU B 37 14.05 -10.92 -13.75
C LEU B 37 13.65 -11.63 -12.45
N PRO B 38 14.62 -11.82 -11.54
CA PRO B 38 14.40 -12.60 -10.32
C PRO B 38 13.68 -11.87 -9.18
N MET B 39 12.89 -12.64 -8.44
CA MET B 39 12.23 -12.21 -7.20
C MET B 39 12.84 -13.07 -6.09
N THR B 40 13.47 -12.41 -5.10
CA THR B 40 14.28 -13.11 -4.12
C THR B 40 13.79 -12.99 -2.68
N GLY B 41 14.33 -13.88 -1.85
CA GLY B 41 14.15 -13.83 -0.41
C GLY B 41 15.50 -13.95 0.27
N THR B 42 15.76 -13.08 1.24
CA THR B 42 17.00 -13.11 2.00
C THR B 42 16.60 -13.33 3.45
N TYR B 43 16.45 -14.62 3.78
CA TYR B 43 15.87 -15.07 5.03
C TYR B 43 16.93 -15.11 6.15
N LEU B 44 16.49 -14.85 7.38
CA LEU B 44 17.38 -14.97 8.53
C LEU B 44 17.84 -16.40 8.77
N ASN B 45 19.09 -16.54 9.19
CA ASN B 45 19.56 -17.85 9.63
C ASN B 45 19.03 -18.16 11.01
N GLY B 46 19.16 -17.19 11.92
CA GLY B 46 18.69 -17.33 13.28
C GLY B 46 17.81 -16.18 13.72
N PRO B 47 18.08 -15.70 14.92
CA PRO B 47 17.37 -14.53 15.50
C PRO B 47 17.65 -13.22 14.76
N PRO B 48 16.70 -12.26 14.87
CA PRO B 48 16.73 -10.97 14.15
C PRO B 48 18.07 -10.28 13.99
N GLY B 49 18.87 -10.20 15.05
CA GLY B 49 20.12 -9.48 14.98
C GLY B 49 21.34 -10.32 14.70
N THR B 50 21.17 -11.56 14.23
CA THR B 50 22.32 -12.43 13.98
C THR B 50 22.85 -12.29 12.56
N THR B 51 22.39 -13.13 11.65
CA THR B 51 22.86 -13.07 10.26
C THR B 51 21.82 -13.64 9.31
N PHE B 52 22.09 -13.46 8.03
CA PHE B 52 21.19 -13.82 6.95
C PHE B 52 21.74 -14.93 6.08
N SER B 53 20.82 -15.76 5.60
CA SER B 53 21.08 -16.80 4.62
C SER B 53 21.24 -16.16 3.25
N ALA B 54 21.98 -16.83 2.38
CA ALA B 54 22.19 -16.34 1.03
C ALA B 54 20.86 -16.03 0.32
N PRO B 55 20.81 -14.93 -0.43
CA PRO B 55 19.64 -14.57 -1.25
C PRO B 55 19.25 -15.68 -2.22
N VAL B 56 17.98 -16.08 -2.21
CA VAL B 56 17.48 -17.14 -3.06
C VAL B 56 16.43 -16.60 -4.00
N VAL B 57 16.55 -16.94 -5.29
CA VAL B 57 15.54 -16.56 -6.27
C VAL B 57 14.35 -17.48 -6.13
N ILE B 58 13.21 -16.92 -5.75
CA ILE B 58 12.00 -17.68 -5.54
C ILE B 58 11.26 -17.86 -6.84
N LEU B 59 11.17 -16.78 -7.61
CA LEU B 59 10.44 -16.73 -8.86
C LEU B 59 11.11 -15.75 -9.82
N GLU B 60 11.16 -16.11 -11.09
CA GLU B 60 11.63 -15.17 -12.12
C GLU B 60 10.47 -14.71 -12.98
N THR B 61 10.50 -13.43 -13.35
CA THR B 61 9.46 -12.80 -14.15
C THR B 61 9.78 -12.80 -15.64
N PRO B 62 9.06 -13.57 -16.46
CA PRO B 62 9.16 -13.47 -17.92
C PRO B 62 8.69 -12.10 -18.40
N VAL B 63 9.62 -11.22 -18.74
CA VAL B 63 9.29 -9.82 -18.96
C VAL B 63 8.41 -9.63 -20.18
N GLY B 64 8.73 -10.26 -21.30
CA GLY B 64 7.88 -10.13 -22.47
C GLY B 64 6.43 -10.48 -22.18
N LEU B 65 6.23 -11.58 -21.46
CA LEU B 65 4.89 -11.98 -21.04
C LEU B 65 4.25 -10.94 -20.13
N ALA B 66 5.01 -10.42 -19.15
CA ALA B 66 4.51 -9.37 -18.26
C ALA B 66 4.06 -8.14 -19.01
N VAL B 67 4.76 -7.78 -20.08
CA VAL B 67 4.35 -6.67 -20.95
C VAL B 67 3.04 -7.00 -21.63
N ALA B 68 2.98 -8.19 -22.23
CA ALA B 68 1.77 -8.65 -22.90
C ALA B 68 0.61 -8.70 -21.92
N LEU B 69 0.90 -9.00 -20.65
CA LEU B 69 -0.12 -9.02 -19.62
C LEU B 69 -0.79 -7.65 -19.39
N PHE B 70 -0.02 -6.58 -19.16
CA PHE B 70 -0.76 -5.33 -18.95
C PHE B 70 -1.35 -4.79 -20.24
N LEU B 71 -0.75 -5.12 -21.39
CA LEU B 71 -1.35 -4.71 -22.66
C LEU B 71 -2.65 -5.47 -22.88
N GLY B 72 -2.58 -6.79 -22.69
CA GLY B 72 -3.74 -7.63 -22.86
C GLY B 72 -4.88 -7.25 -21.95
N LEU B 73 -4.57 -6.97 -20.68
CA LEU B 73 -5.61 -6.56 -19.75
C LEU B 73 -6.36 -5.34 -20.24
N SER B 74 -5.63 -4.34 -20.75
CA SER B 74 -6.32 -3.20 -21.35
C SER B 74 -7.14 -3.62 -22.55
N ALA B 75 -6.56 -4.45 -23.43
CA ALA B 75 -7.30 -4.93 -24.60
C ALA B 75 -8.61 -5.57 -24.17
N LEU B 76 -8.51 -6.42 -23.15
CA LEU B 76 -9.64 -7.15 -22.58
C LEU B 76 -10.75 -6.23 -22.08
N PHE B 77 -10.40 -5.27 -21.24
CA PHE B 77 -11.42 -4.41 -20.65
C PHE B 77 -12.02 -3.44 -21.66
N HIS B 78 -11.26 -3.02 -22.67
CA HIS B 78 -11.84 -2.17 -23.69
C HIS B 78 -12.88 -2.91 -24.51
N PHE B 79 -12.62 -4.17 -24.84
CA PHE B 79 -13.63 -4.93 -25.58
C PHE B 79 -14.87 -5.20 -24.72
N ILE B 80 -14.69 -5.45 -23.43
CA ILE B 80 -15.83 -5.63 -22.52
C ILE B 80 -16.72 -4.39 -22.52
N VAL B 81 -16.11 -3.25 -22.22
CA VAL B 81 -16.78 -1.95 -22.20
C VAL B 81 -17.50 -1.61 -23.50
N SER B 82 -16.93 -2.03 -24.65
CA SER B 82 -17.47 -1.67 -25.96
C SER B 82 -18.90 -2.15 -26.21
N SER B 83 -19.44 -3.06 -25.40
CA SER B 83 -20.81 -3.51 -25.59
C SER B 83 -21.86 -2.59 -24.92
N GLY B 84 -21.44 -1.46 -24.37
CA GLY B 84 -22.36 -0.46 -23.83
C GLY B 84 -22.74 -0.63 -22.38
N ASN B 85 -21.90 -1.30 -21.59
CA ASN B 85 -22.17 -1.54 -20.17
C ASN B 85 -22.00 -0.28 -19.33
N PHE B 86 -20.86 0.41 -19.50
CA PHE B 86 -20.54 1.60 -18.70
C PHE B 86 -21.55 2.72 -18.88
N PHE B 87 -22.24 2.74 -20.03
CA PHE B 87 -23.28 3.72 -20.35
C PHE B 87 -24.29 3.94 -19.23
N LYS B 88 -24.58 2.90 -18.45
CA LYS B 88 -25.58 3.00 -17.38
C LYS B 88 -25.27 4.11 -16.38
N ARG B 89 -24.01 4.53 -16.26
CA ARG B 89 -23.65 5.60 -15.34
C ARG B 89 -24.04 6.98 -15.85
N TYR B 90 -24.37 7.10 -17.13
CA TYR B 90 -24.88 8.33 -17.73
C TYR B 90 -26.40 8.28 -17.81
N SER B 91 -26.94 7.16 -18.25
CA SER B 91 -28.38 6.96 -18.40
C SER B 91 -29.10 7.13 -17.07
N LYS B 96 -21.18 14.06 -12.48
CA LYS B 96 -20.10 13.15 -12.85
C LYS B 96 -20.51 11.70 -12.72
N ASN B 97 -20.04 10.90 -13.65
CA ASN B 97 -20.36 9.48 -13.69
C ASN B 97 -19.26 8.70 -12.99
N GLN B 98 -19.27 7.39 -13.17
CA GLN B 98 -18.29 6.49 -12.58
C GLN B 98 -17.83 5.52 -13.64
N ASN B 99 -16.61 5.00 -13.47
CA ASN B 99 -16.15 3.94 -14.37
C ASN B 99 -15.34 2.92 -13.57
N ILE B 100 -16.00 1.89 -13.07
CA ILE B 100 -15.24 0.91 -12.30
C ILE B 100 -14.53 -0.09 -13.19
N PHE B 101 -14.85 -0.13 -14.48
CA PHE B 101 -14.08 -0.96 -15.40
C PHE B 101 -12.67 -0.42 -15.47
N ARG B 102 -12.58 0.91 -15.55
CA ARG B 102 -11.31 1.59 -15.45
C ARG B 102 -10.56 1.19 -14.18
N TRP B 103 -11.22 1.32 -13.02
CA TRP B 103 -10.58 1.05 -11.75
C TRP B 103 -10.15 -0.41 -11.60
N VAL B 104 -11.01 -1.36 -11.97
CA VAL B 104 -10.60 -2.77 -11.95
C VAL B 104 -9.39 -2.99 -12.86
N GLU B 105 -9.49 -2.49 -14.11
CA GLU B 105 -8.40 -2.63 -15.06
C GLU B 105 -7.10 -2.05 -14.52
N TYR B 106 -7.14 -0.79 -14.12
CA TYR B 106 -5.94 -0.08 -13.70
C TYR B 106 -5.33 -0.71 -12.46
N SER B 107 -6.18 -1.10 -11.51
CA SER B 107 -5.75 -1.79 -10.30
C SER B 107 -4.80 -2.93 -10.60
N LEU B 108 -5.06 -3.66 -11.67
CA LEU B 108 -4.21 -4.77 -12.11
C LEU B 108 -3.07 -4.29 -12.99
N SER B 109 -3.41 -3.84 -14.21
CA SER B 109 -2.43 -3.52 -15.24
C SER B 109 -1.36 -2.53 -14.81
N SER B 110 -1.72 -1.49 -14.02
CA SER B 110 -0.69 -0.53 -13.63
C SER B 110 0.17 -1.06 -12.51
N SER B 111 -0.30 -2.10 -11.83
CA SER B 111 0.48 -2.68 -10.77
C SER B 111 1.46 -3.65 -11.38
N VAL B 112 1.04 -4.33 -12.45
CA VAL B 112 1.94 -5.17 -13.23
C VAL B 112 3.08 -4.34 -13.77
N MET B 113 2.76 -3.17 -14.32
CA MET B 113 3.80 -2.37 -14.95
C MET B 113 4.68 -1.64 -13.94
N ILE B 114 4.16 -1.21 -12.78
CA ILE B 114 5.04 -0.62 -11.75
C ILE B 114 5.96 -1.68 -11.17
N VAL B 115 5.49 -2.93 -11.07
CA VAL B 115 6.38 -3.98 -10.59
C VAL B 115 7.51 -4.22 -11.58
N LEU B 116 7.20 -4.22 -12.88
CA LEU B 116 8.27 -4.35 -13.87
C LEU B 116 9.34 -3.28 -13.70
N ILE B 117 8.91 -2.02 -13.58
CA ILE B 117 9.85 -0.91 -13.41
C ILE B 117 10.74 -1.11 -12.20
N ALA B 118 10.16 -1.55 -11.09
CA ALA B 118 10.95 -1.86 -9.90
C ALA B 118 12.00 -2.92 -10.18
N GLN B 119 11.62 -4.01 -10.85
CA GLN B 119 12.60 -5.06 -11.14
C GLN B 119 13.69 -4.55 -12.08
N ILE B 120 13.32 -3.72 -13.04
CA ILE B 120 14.30 -3.11 -13.95
C ILE B 120 15.34 -2.31 -13.17
N CYS B 121 14.91 -1.63 -12.09
CA CYS B 121 15.78 -0.86 -11.20
C CYS B 121 16.64 -1.68 -10.25
N GLY B 122 16.46 -2.99 -10.15
CA GLY B 122 17.23 -3.78 -9.21
C GLY B 122 16.44 -4.22 -8.02
N ILE B 123 15.16 -3.85 -7.94
CA ILE B 123 14.36 -4.26 -6.80
C ILE B 123 13.97 -5.70 -7.08
N ALA B 124 14.31 -6.59 -6.16
CA ALA B 124 14.10 -8.01 -6.34
C ALA B 124 13.42 -8.66 -5.15
N ASP B 125 13.47 -8.04 -3.97
CA ASP B 125 12.86 -8.63 -2.80
C ASP B 125 11.38 -8.89 -3.06
N ILE B 126 11.00 -10.18 -2.98
CA ILE B 126 9.62 -10.61 -3.26
C ILE B 126 8.58 -9.89 -2.41
N VAL B 127 8.95 -9.47 -1.20
CA VAL B 127 7.99 -8.79 -0.35
C VAL B 127 7.86 -7.34 -0.76
N ALA B 128 8.99 -6.73 -1.14
CA ALA B 128 8.97 -5.39 -1.67
C ALA B 128 8.07 -5.32 -2.89
N LEU B 129 8.23 -6.28 -3.80
CA LEU B 129 7.47 -6.26 -5.04
C LEU B 129 6.00 -6.57 -4.74
N LEU B 130 5.74 -7.48 -3.80
CA LEU B 130 4.39 -7.76 -3.35
C LEU B 130 3.74 -6.50 -2.79
N ALA B 131 4.45 -5.80 -1.89
CA ALA B 131 3.93 -4.61 -1.25
C ALA B 131 3.74 -3.45 -2.24
N ILE B 132 4.73 -3.20 -3.11
CA ILE B 132 4.58 -2.16 -4.13
C ILE B 132 3.32 -2.37 -4.94
N PHE B 133 3.09 -3.62 -5.35
CA PHE B 133 1.87 -3.96 -6.07
C PHE B 133 0.68 -3.58 -5.23
N GLY B 134 0.67 -4.04 -3.98
CA GLY B 134 -0.44 -3.77 -3.08
C GLY B 134 -0.72 -2.28 -2.91
N VAL B 135 0.34 -1.49 -2.69
CA VAL B 135 0.09 -0.08 -2.43
C VAL B 135 -0.35 0.64 -3.71
N ASN B 136 0.15 0.21 -4.88
CA ASN B 136 -0.30 0.78 -6.14
C ASN B 136 -1.78 0.49 -6.37
N ALA B 137 -2.22 -0.73 -6.05
CA ALA B 137 -3.65 -1.03 -6.10
C ALA B 137 -4.44 -0.13 -5.17
N SER B 138 -3.93 0.12 -3.96
CA SER B 138 -4.59 0.99 -2.99
C SER B 138 -4.83 2.39 -3.54
N MET B 139 -3.83 2.92 -4.26
CA MET B 139 -3.98 4.18 -4.99
C MET B 139 -5.18 4.15 -5.93
N ILE B 140 -5.28 3.09 -6.75
CA ILE B 140 -6.39 3.00 -7.70
C ILE B 140 -7.71 2.94 -6.95
N LEU B 141 -7.75 2.14 -5.88
CA LEU B 141 -8.96 1.96 -5.09
C LEU B 141 -9.38 3.24 -4.38
N PHE B 142 -8.43 4.08 -3.98
CA PHE B 142 -8.82 5.37 -3.44
C PHE B 142 -9.50 6.22 -4.51
N GLY B 143 -8.94 6.22 -5.72
CA GLY B 143 -9.56 6.96 -6.82
C GLY B 143 -10.96 6.48 -7.14
N TRP B 144 -11.15 5.17 -7.16
CA TRP B 144 -12.47 4.57 -7.26
C TRP B 144 -13.42 5.17 -6.22
N LEU B 145 -12.99 5.26 -4.96
CA LEU B 145 -13.84 5.81 -3.90
C LEU B 145 -14.16 7.29 -4.13
N GLN B 146 -13.22 8.04 -4.70
CA GLN B 146 -13.49 9.42 -5.08
C GLN B 146 -14.69 9.52 -6.01
N GLU B 147 -14.73 8.66 -7.02
CA GLU B 147 -15.86 8.64 -7.94
C GLU B 147 -17.13 8.10 -7.30
N LYS B 148 -16.99 7.14 -6.38
CA LYS B 148 -18.16 6.50 -5.76
C LYS B 148 -18.93 7.43 -4.84
N TYR B 149 -18.26 8.08 -3.90
CA TYR B 149 -18.95 8.85 -2.88
C TYR B 149 -18.91 10.35 -3.08
N THR B 150 -18.32 10.87 -4.15
CA THR B 150 -18.26 12.32 -4.30
C THR B 150 -18.54 12.79 -5.74
N GLN B 151 -18.80 14.10 -5.85
CA GLN B 151 -19.08 14.85 -7.08
C GLN B 151 -18.15 16.07 -7.12
N PRO B 152 -18.36 17.04 -8.02
CA PRO B 152 -17.47 18.22 -8.01
C PRO B 152 -17.79 19.20 -6.87
N LYS B 153 -17.28 18.83 -5.69
CA LYS B 153 -17.48 19.53 -4.42
C LYS B 153 -16.23 19.34 -3.56
N ASP B 154 -16.09 20.18 -2.51
CA ASP B 154 -14.91 20.13 -1.65
C ASP B 154 -14.64 18.72 -1.10
N GLY B 155 -15.69 18.02 -0.66
CA GLY B 155 -15.58 16.69 -0.07
C GLY B 155 -15.00 15.63 -0.98
N ASP B 156 -14.82 15.95 -2.27
CA ASP B 156 -14.21 15.07 -3.26
C ASP B 156 -12.72 14.87 -3.04
N LEU B 157 -12.05 15.85 -2.43
CA LEU B 157 -10.59 15.85 -2.35
C LEU B 157 -9.99 14.70 -1.54
N LEU B 158 -10.63 14.26 -0.46
CA LEU B 158 -9.94 13.39 0.49
C LEU B 158 -9.52 12.03 -0.09
N PRO B 159 -10.40 11.27 -0.77
CA PRO B 159 -9.95 10.03 -1.43
C PRO B 159 -8.83 10.27 -2.41
N PHE B 160 -8.92 11.38 -3.15
CA PHE B 160 -7.90 11.72 -4.12
C PHE B 160 -6.54 11.89 -3.46
N TRP B 161 -6.50 12.68 -2.38
CA TRP B 161 -5.24 12.90 -1.67
C TRP B 161 -4.74 11.63 -1.01
N PHE B 162 -5.64 10.77 -0.52
CA PHE B 162 -5.19 9.48 -0.03
C PHE B 162 -4.54 8.68 -1.13
N GLY B 163 -5.11 8.74 -2.32
CA GLY B 163 -4.52 8.06 -3.46
C GLY B 163 -3.15 8.59 -3.82
N CYS B 164 -3.00 9.92 -3.87
CA CYS B 164 -1.70 10.52 -4.16
C CYS B 164 -0.62 10.02 -3.22
N ILE B 165 -0.94 9.93 -1.92
CA ILE B 165 0.00 9.42 -0.93
C ILE B 165 0.42 7.97 -1.20
N ALA B 166 -0.57 7.09 -1.37
CA ALA B 166 -0.27 5.69 -1.67
C ALA B 166 0.49 5.59 -2.98
N GLY B 167 0.18 6.47 -3.93
CA GLY B 167 0.83 6.43 -5.23
C GLY B 167 2.30 6.79 -5.19
N ILE B 168 2.65 7.86 -4.46
CA ILE B 168 4.05 8.28 -4.48
C ILE B 168 4.99 7.31 -3.78
N VAL B 169 4.50 6.52 -2.82
CA VAL B 169 5.35 5.56 -2.09
C VAL B 169 6.20 4.69 -3.03
N PRO B 170 5.65 4.18 -4.15
CA PRO B 170 6.48 3.33 -5.03
C PRO B 170 7.62 4.10 -5.67
N TRP B 171 7.32 5.33 -6.08
CA TRP B 171 8.30 6.16 -6.75
C TRP B 171 9.40 6.54 -5.78
N ILE B 172 9.06 6.68 -4.49
CA ILE B 172 10.07 6.93 -3.47
C ILE B 172 11.03 5.75 -3.38
N GLY B 173 10.49 4.53 -3.38
CA GLY B 173 11.33 3.34 -3.42
C GLY B 173 12.25 3.28 -4.63
N LEU B 174 11.72 3.60 -5.80
CA LEU B 174 12.52 3.61 -7.03
C LEU B 174 13.66 4.60 -6.90
N LEU B 175 13.35 5.79 -6.38
CA LEU B 175 14.37 6.81 -6.21
C LEU B 175 15.48 6.32 -5.30
N ILE B 176 15.14 5.58 -4.24
CA ILE B 176 16.16 5.02 -3.37
C ILE B 176 17.15 4.19 -4.17
N TYR B 177 16.65 3.31 -5.03
CA TYR B 177 17.53 2.47 -5.86
C TYR B 177 18.25 3.24 -6.97
N VAL B 178 17.67 4.31 -7.50
CA VAL B 178 18.36 5.13 -8.52
C VAL B 178 19.47 5.96 -7.91
N ILE B 179 19.19 6.62 -6.78
CA ILE B 179 20.19 7.43 -6.08
C ILE B 179 21.27 6.54 -5.49
N ALA B 180 20.89 5.40 -4.95
CA ALA B 180 21.76 4.41 -4.36
C ALA B 180 22.58 5.00 -3.20
N PRO B 181 21.91 5.52 -2.17
CA PRO B 181 22.56 6.06 -0.95
C PRO B 181 23.81 5.35 -0.45
N GLY B 182 23.78 4.03 -0.45
CA GLY B 182 24.91 3.25 0.05
C GLY B 182 25.87 2.82 -1.04
N SER B 183 25.80 3.45 -2.21
CA SER B 183 26.67 3.10 -3.33
C SER B 183 28.14 3.10 -2.95
N THR B 184 28.85 2.07 -3.41
CA THR B 184 30.28 1.93 -3.19
C THR B 184 31.08 2.06 -4.49
N SER B 185 30.54 2.81 -5.46
CA SER B 185 31.13 3.22 -6.74
C SER B 185 31.08 2.18 -7.85
N ASP B 186 30.85 0.91 -7.51
CA ASP B 186 30.67 -0.13 -8.51
C ASP B 186 29.26 -0.16 -9.07
N VAL B 187 28.35 0.55 -8.44
CA VAL B 187 26.94 0.60 -8.82
C VAL B 187 26.71 1.45 -10.07
N ALA B 188 25.88 0.94 -10.97
CA ALA B 188 25.56 1.67 -12.19
C ALA B 188 24.16 1.32 -12.66
N VAL B 189 23.43 2.34 -13.10
CA VAL B 189 22.09 2.18 -13.66
C VAL B 189 22.13 2.55 -15.14
N PRO B 190 21.54 1.73 -16.02
CA PRO B 190 21.50 2.03 -17.46
C PRO B 190 20.68 3.27 -17.81
N GLY B 191 21.17 4.03 -18.78
CA GLY B 191 20.50 5.24 -19.23
C GLY B 191 19.05 5.05 -19.63
N PHE B 192 18.72 3.92 -20.27
CA PHE B 192 17.34 3.67 -20.70
C PHE B 192 16.40 3.54 -19.51
N VAL B 193 16.92 3.18 -18.35
CA VAL B 193 16.10 3.04 -17.15
C VAL B 193 15.67 4.42 -16.67
N TYR B 194 16.60 5.38 -16.73
CA TYR B 194 16.26 6.76 -16.40
C TYR B 194 15.17 7.29 -17.33
N GLY B 195 15.23 6.91 -18.60
CA GLY B 195 14.18 7.26 -19.54
C GLY B 195 12.83 6.67 -19.16
N ILE B 196 12.80 5.37 -18.84
CA ILE B 196 11.57 4.73 -18.39
C ILE B 196 10.97 5.41 -17.17
N ILE B 197 11.81 5.67 -16.17
CA ILE B 197 11.29 6.23 -14.92
C ILE B 197 10.69 7.61 -15.14
N ILE B 198 11.43 8.49 -15.81
CA ILE B 198 10.97 9.87 -16.01
C ILE B 198 9.70 9.91 -16.85
N SER B 199 9.68 9.16 -17.96
CA SER B 199 8.51 9.17 -18.83
C SER B 199 7.27 8.65 -18.11
N LEU B 200 7.35 7.42 -17.56
CA LEU B 200 6.20 6.85 -16.88
C LEU B 200 5.79 7.64 -15.64
N PHE B 201 6.75 8.21 -14.92
CA PHE B 201 6.42 9.08 -13.79
C PHE B 201 5.54 10.24 -14.21
N LEU B 202 5.86 10.88 -15.33
CA LEU B 202 5.02 11.94 -15.84
C LEU B 202 3.66 11.41 -16.28
N PHE B 203 3.64 10.24 -16.90
CA PHE B 203 2.36 9.66 -17.31
C PHE B 203 1.48 9.36 -16.09
N PHE B 204 2.04 8.81 -15.01
CA PHE B 204 1.26 8.57 -13.80
C PHE B 204 0.76 9.88 -13.18
N ASN B 205 1.57 10.94 -13.24
CA ASN B 205 1.13 12.24 -12.72
C ASN B 205 -0.06 12.75 -13.49
N SER B 206 -0.03 12.62 -14.82
CA SER B 206 -1.10 13.13 -15.65
C SER B 206 -2.41 12.38 -15.41
N PHE B 207 -2.35 11.11 -14.99
CA PHE B 207 -3.59 10.42 -14.65
C PHE B 207 -4.28 11.12 -13.48
N ALA B 208 -3.49 11.52 -12.48
CA ALA B 208 -4.01 12.27 -11.34
C ALA B 208 -4.48 13.66 -11.77
N LEU B 209 -3.72 14.27 -12.68
CA LEU B 209 -4.11 15.58 -13.22
C LEU B 209 -5.51 15.53 -13.81
N VAL B 210 -5.81 14.47 -14.59
CA VAL B 210 -7.14 14.34 -15.19
C VAL B 210 -8.21 14.22 -14.13
N GLN B 211 -8.04 13.26 -13.21
CA GLN B 211 -8.98 13.06 -12.11
C GLN B 211 -9.27 14.37 -11.41
N TYR B 212 -8.20 15.11 -11.10
CA TYR B 212 -8.30 16.39 -10.43
C TYR B 212 -9.15 17.37 -11.21
N LEU B 213 -8.75 17.66 -12.45
CA LEU B 213 -9.42 18.67 -13.26
C LEU B 213 -10.87 18.31 -13.52
N GLN B 214 -11.13 17.02 -13.67
CA GLN B 214 -12.48 16.51 -13.88
C GLN B 214 -13.37 16.83 -12.69
N TYR B 215 -12.93 16.47 -11.48
CA TYR B 215 -13.73 16.75 -10.29
C TYR B 215 -13.54 18.16 -9.78
N LYS B 216 -12.47 18.83 -10.17
CA LYS B 216 -12.32 20.24 -9.85
C LYS B 216 -13.39 21.02 -10.59
N GLY B 217 -13.73 20.54 -11.78
CA GLY B 217 -14.82 21.09 -12.56
C GLY B 217 -14.38 22.18 -13.49
N LYS B 218 -13.14 22.13 -13.97
CA LYS B 218 -12.65 23.14 -14.89
C LYS B 218 -13.53 23.14 -16.13
N GLY B 219 -13.97 24.34 -16.55
CA GLY B 219 -14.89 24.51 -17.66
C GLY B 219 -14.83 23.42 -18.72
N LYS B 220 -13.67 23.32 -19.36
CA LYS B 220 -13.41 22.28 -20.36
C LYS B 220 -13.76 20.88 -19.85
N TRP B 221 -13.23 20.54 -18.68
CA TRP B 221 -13.35 19.22 -18.05
C TRP B 221 -14.65 19.03 -17.28
N SER B 222 -15.60 19.98 -17.38
CA SER B 222 -16.90 19.78 -16.76
C SER B 222 -17.71 18.71 -17.52
N ASN B 223 -17.28 18.32 -18.71
CA ASN B 223 -17.81 17.16 -19.41
C ASN B 223 -17.03 15.94 -18.95
N TYR B 224 -17.69 15.08 -18.16
CA TYR B 224 -17.07 13.86 -17.66
C TYR B 224 -16.48 13.01 -18.79
N LEU B 225 -17.13 13.01 -19.96
CA LEU B 225 -16.71 12.15 -21.05
C LEU B 225 -15.42 12.65 -21.70
N ARG B 226 -15.11 13.94 -21.52
CA ARG B 226 -13.82 14.45 -21.96
C ARG B 226 -12.73 13.80 -21.14
N GLY B 227 -12.96 13.73 -19.82
CA GLY B 227 -12.03 13.04 -18.95
C GLY B 227 -11.86 11.59 -19.33
N GLU B 228 -12.98 10.92 -19.60
CA GLU B 228 -12.96 9.54 -20.05
C GLU B 228 -12.06 9.34 -21.26
N ARG B 229 -12.21 10.20 -22.26
CA ARG B 229 -11.37 10.11 -23.46
C ARG B 229 -9.88 10.29 -23.12
N ALA B 230 -9.56 11.19 -22.19
CA ALA B 230 -8.19 11.36 -21.73
C ALA B 230 -7.63 10.09 -21.13
N TYR B 231 -8.43 9.42 -20.30
CA TYR B 231 -7.99 8.19 -19.68
C TYR B 231 -7.73 7.09 -20.70
N ILE B 232 -8.57 7.02 -21.74
CA ILE B 232 -8.38 6.02 -22.78
C ILE B 232 -7.06 6.26 -23.52
N VAL B 233 -6.76 7.52 -23.84
CA VAL B 233 -5.53 7.88 -24.54
C VAL B 233 -4.31 7.66 -23.67
N LEU B 234 -4.36 8.16 -22.43
CA LEU B 234 -3.24 7.96 -21.52
C LEU B 234 -2.98 6.49 -21.29
N SER B 235 -4.03 5.70 -21.07
CA SER B 235 -3.79 4.27 -20.84
C SER B 235 -3.04 3.67 -22.02
N LEU B 236 -3.48 4.00 -23.24
CA LEU B 236 -2.83 3.53 -24.46
C LEU B 236 -1.38 3.99 -24.55
N VAL B 237 -1.13 5.30 -24.45
CA VAL B 237 0.21 5.86 -24.64
C VAL B 237 1.18 5.46 -23.54
N ALA B 238 0.74 5.54 -22.27
CA ALA B 238 1.64 5.17 -21.18
C ALA B 238 1.99 3.69 -21.20
N LYS B 239 1.02 2.82 -21.51
CA LYS B 239 1.33 1.40 -21.56
C LYS B 239 2.21 1.11 -22.76
N SER B 240 1.97 1.82 -23.87
CA SER B 240 2.78 1.71 -25.06
C SER B 240 4.21 2.17 -24.79
N ALA B 241 4.35 3.38 -24.26
CA ALA B 241 5.65 3.95 -23.95
C ALA B 241 6.48 2.97 -23.13
N LEU B 242 5.91 2.43 -22.05
CA LEU B 242 6.65 1.48 -21.24
C LEU B 242 6.94 0.19 -22.03
N ALA B 243 5.91 -0.39 -22.65
CA ALA B 243 6.09 -1.65 -23.37
C ALA B 243 7.25 -1.60 -24.38
N TRP B 244 7.39 -0.50 -25.13
CA TRP B 244 8.45 -0.45 -26.13
C TRP B 244 9.79 0.02 -25.56
N GLN B 245 9.79 0.83 -24.49
CA GLN B 245 11.07 1.17 -23.87
C GLN B 245 11.69 -0.06 -23.25
N ILE B 246 10.86 -0.90 -22.62
CA ILE B 246 11.36 -2.16 -22.12
C ILE B 246 11.80 -3.05 -23.27
N PHE B 247 10.99 -3.10 -24.34
CA PHE B 247 11.32 -3.96 -25.48
C PHE B 247 12.68 -3.60 -26.04
N SER B 248 12.90 -2.31 -26.29
CA SER B 248 14.19 -1.85 -26.79
C SER B 248 15.32 -2.25 -25.84
N GLY B 249 15.12 -2.03 -24.53
CA GLY B 249 16.15 -2.28 -23.53
C GLY B 249 16.42 -3.73 -23.12
N THR B 250 15.44 -4.62 -23.24
CA THR B 250 15.69 -6.03 -22.90
C THR B 250 15.93 -6.87 -24.14
N LEU B 251 15.51 -6.37 -25.31
CA LEU B 251 15.78 -6.96 -26.61
C LEU B 251 15.96 -5.85 -27.66
#